data_5ZQ1
#
_entry.id   5ZQ1
#
_cell.length_a   47.386
_cell.length_b   96.097
_cell.length_c   114.162
_cell.angle_alpha   90.000
_cell.angle_beta   90.000
_cell.angle_gamma   90.000
#
_symmetry.space_group_name_H-M   'P 21 21 21'
#
loop_
_entity.id
_entity.type
_entity.pdbx_description
1 polymer 'Uncharacterized RNA methyltransferase SP_1029'
2 polymer "RNA (5'-R(*AP*AP*AP*(MUM)P*UP*CP*CP*U)-3')"
3 non-polymer S-ADENOSYL-L-HOMOCYSTEINE
#
loop_
_entity_poly.entity_id
_entity_poly.type
_entity_poly.pdbx_seq_one_letter_code
_entity_poly.pdbx_strand_id
1 'polypeptide(L)'
;MLKKNDIVEVEIVDLTHEGAGVAKVDGLVFFVENALPSEKILMRVLKVNKKIGFGKVEKYLVQSPHRNQDLDLAYLRSGI
ADLGHLSYPEQLKFKTKQVKDSLYKIAGIADVEVAETLGMEHPVKYRNKAQVPVRRVNGVLETGFFRKNSHNLMPLEDFF
IQDPVIDQVVVALRDLLRRFDLKPYDEKEQSGLIRNLVVRRGHYSGQIMVVLVTTRPKVFRVDQLIEQVIKQFPEIVSVM
QNINDQNTNAIFGKEWRTLYGQDYITDQMLGNDFQIAGPAFYQVNTEMAEKLYQTAIDFAELKKDDVIIDAYSGIGTIGL
SVAKHVKEVYGVELIPEAVENSQKNASLNKITNAHYVCDTAENAMKKWLKEGIQPTVILVDPPRKGLTESFIKASAQTGA
DRIAYISCNVATMARDIKLYQELGYELKKVQPVDLFPQTHHVQTVALLSKLD
;
A
2 'polyribonucleotide' AAA(MUM)UCCU B
#
loop_
_chem_comp.id
_chem_comp.type
_chem_comp.name
_chem_comp.formula
A RNA linking ADENOSINE-5'-MONOPHOSPHATE 'C10 H14 N5 O7 P'
C RNA linking CYTIDINE-5'-MONOPHOSPHATE 'C9 H14 N3 O8 P'
MUM RNA linking 5'-O-(dihydroxyphosphanyl)-5-methyl-5,6-dihydrouridine 'C10 H17 N2 O8 P'
SAH non-polymer S-ADENOSYL-L-HOMOCYSTEINE 'C14 H20 N6 O5 S'
U RNA linking URIDINE-5'-MONOPHOSPHATE 'C9 H13 N2 O9 P'
#
# COMPACT_ATOMS: atom_id res chain seq x y z
N MET A 1 37.01 6.68 17.35
CA MET A 1 36.18 5.43 17.46
C MET A 1 34.98 5.63 18.36
N LEU A 2 33.79 5.68 17.77
CA LEU A 2 32.55 5.89 18.51
C LEU A 2 32.03 4.59 19.11
N LYS A 3 31.08 4.72 20.03
CA LYS A 3 30.44 3.56 20.70
C LYS A 3 29.15 4.00 21.41
N LYS A 4 28.42 3.05 21.99
CA LYS A 4 27.07 3.32 22.54
C LYS A 4 27.03 4.50 23.53
N ASN A 5 25.95 5.26 23.45
CA ASN A 5 25.66 6.42 24.31
C ASN A 5 26.61 7.64 24.19
N ASP A 6 27.47 7.68 23.18
CA ASP A 6 28.28 8.87 22.89
C ASP A 6 27.40 9.93 22.21
N ILE A 7 27.70 11.20 22.49
CA ILE A 7 27.01 12.34 21.87
C ILE A 7 27.97 13.07 20.95
N VAL A 8 27.62 13.19 19.67
CA VAL A 8 28.48 13.88 18.69
C VAL A 8 27.68 14.82 17.78
N GLU A 9 28.29 15.97 17.44
CA GLU A 9 27.68 16.94 16.52
C GLU A 9 27.84 16.47 15.08
N VAL A 10 26.73 16.38 14.35
CA VAL A 10 26.73 15.95 12.95
C VAL A 10 25.81 16.82 12.09
N GLU A 11 26.14 16.93 10.80
CA GLU A 11 25.21 17.48 9.82
C GLU A 11 24.54 16.30 9.11
N ILE A 12 23.22 16.40 8.94
CA ILE A 12 22.46 15.44 8.13
C ILE A 12 22.61 15.92 6.69
N VAL A 13 22.98 15.02 5.78
CA VAL A 13 23.19 15.40 4.37
C VAL A 13 22.32 14.64 3.33
N ASP A 14 21.45 13.73 3.78
CA ASP A 14 20.61 12.95 2.88
C ASP A 14 19.47 12.24 3.61
N LEU A 15 18.55 11.63 2.85
CA LEU A 15 17.54 10.72 3.40
C LEU A 15 17.66 9.33 2.77
N THR A 16 17.42 8.29 3.57
CA THR A 16 17.25 6.95 3.03
C THR A 16 15.90 6.93 2.33
N HIS A 17 15.66 5.89 1.54
CA HIS A 17 14.36 5.70 0.91
C HIS A 17 13.23 5.57 1.96
N GLU A 18 13.53 4.96 3.11
CA GLU A 18 12.54 4.81 4.22
C GLU A 18 12.31 6.09 5.07
N GLY A 19 13.12 7.11 4.85
CA GLY A 19 12.91 8.45 5.44
C GLY A 19 13.89 8.85 6.55
N ALA A 20 14.86 7.99 6.85
CA ALA A 20 15.80 8.22 7.93
C ALA A 20 16.94 9.13 7.46
N GLY A 21 17.30 10.10 8.29
CA GLY A 21 18.41 11.01 7.98
C GLY A 21 19.74 10.29 7.90
N VAL A 22 20.60 10.76 7.00
CA VAL A 22 21.94 10.21 6.81
C VAL A 22 22.98 11.25 7.22
N ALA A 23 23.89 10.84 8.10
CA ALA A 23 25.07 11.61 8.43
C ALA A 23 26.25 10.65 8.37
N LYS A 24 27.40 11.16 7.96
CA LYS A 24 28.58 10.34 7.76
C LYS A 24 29.64 10.80 8.71
N VAL A 25 29.83 10.03 9.76
CA VAL A 25 30.85 10.30 10.72
C VAL A 25 31.84 9.17 10.65
N ASP A 26 33.12 9.55 10.66
CA ASP A 26 34.32 8.70 10.58
C ASP A 26 34.37 7.30 9.94
N GLY A 27 33.94 7.25 8.69
CA GLY A 27 33.90 6.01 7.94
C GLY A 27 32.58 5.30 8.15
N LEU A 28 31.80 5.77 9.12
CA LEU A 28 30.51 5.19 9.38
C LEU A 28 29.43 6.02 8.72
N VAL A 29 28.38 5.35 8.25
CA VAL A 29 27.17 6.00 7.81
C VAL A 29 26.18 5.80 8.94
N PHE A 30 25.56 6.88 9.40
CA PHE A 30 24.63 6.80 10.52
C PHE A 30 23.22 7.07 10.02
N PHE A 31 22.27 6.25 10.47
CA PHE A 31 20.86 6.44 10.15
C PHE A 31 20.13 6.95 11.38
N VAL A 32 19.67 8.19 11.28
CA VAL A 32 19.13 8.94 12.40
C VAL A 32 17.66 9.20 12.16
N GLU A 33 16.81 8.69 13.05
CA GLU A 33 15.37 8.89 12.95
C GLU A 33 15.01 10.33 13.27
N ASN A 34 14.02 10.85 12.53
CA ASN A 34 13.54 12.22 12.68
C ASN A 34 14.65 13.28 12.51
N ALA A 35 15.39 13.15 11.41
CA ALA A 35 16.44 14.11 11.07
C ALA A 35 16.40 14.34 9.56
N LEU A 36 16.28 15.60 9.17
CA LEU A 36 16.13 16.01 7.76
C LEU A 36 17.44 16.62 7.25
N PRO A 37 17.66 16.62 5.92
CA PRO A 37 18.90 17.17 5.34
C PRO A 37 19.21 18.61 5.78
N SER A 38 20.52 18.89 5.94
CA SER A 38 21.04 20.19 6.39
C SER A 38 20.89 20.51 7.89
N GLU A 39 20.27 19.62 8.66
CA GLU A 39 20.04 19.88 10.09
C GLU A 39 21.28 19.56 10.91
N LYS A 40 21.62 20.47 11.82
CA LYS A 40 22.69 20.29 12.79
C LYS A 40 22.07 19.67 14.03
N ILE A 41 22.62 18.57 14.52
CA ILE A 41 22.09 17.92 15.71
C ILE A 41 23.21 17.39 16.59
N LEU A 42 22.89 17.15 17.85
CA LEU A 42 23.72 16.32 18.72
C LEU A 42 23.14 14.91 18.66
N MET A 43 23.92 13.98 18.11
CA MET A 43 23.47 12.61 17.87
C MET A 43 23.94 11.67 18.97
N ARG A 44 22.99 11.00 19.60
CA ARG A 44 23.28 9.93 20.54
C ARG A 44 23.52 8.64 19.73
N VAL A 45 24.66 7.98 19.97
CA VAL A 45 24.97 6.74 19.26
C VAL A 45 24.24 5.57 19.92
N LEU A 46 23.34 4.92 19.17
CA LEU A 46 22.55 3.79 19.68
C LEU A 46 23.28 2.46 19.51
N LYS A 47 23.73 2.20 18.29
CA LYS A 47 24.37 0.93 17.92
C LYS A 47 25.46 1.19 16.89
N VAL A 48 26.63 0.62 17.09
CA VAL A 48 27.69 0.67 16.09
C VAL A 48 27.79 -0.68 15.38
N ASN A 49 27.80 -0.66 14.04
CA ASN A 49 28.04 -1.85 13.21
C ASN A 49 29.33 -1.65 12.42
N LYS A 50 29.69 -2.64 11.59
CA LYS A 50 30.92 -2.61 10.79
C LYS A 50 31.03 -1.35 9.92
N LYS A 51 30.04 -1.15 9.06
CA LYS A 51 30.05 -0.02 8.12
C LYS A 51 28.98 1.05 8.39
N ILE A 52 27.90 0.66 9.07
CA ILE A 52 26.80 1.58 9.37
C ILE A 52 26.66 1.76 10.88
N GLY A 53 25.81 2.71 11.26
CA GLY A 53 25.44 2.94 12.65
C GLY A 53 24.02 3.46 12.75
N PHE A 54 23.51 3.55 13.97
CA PHE A 54 22.18 4.09 14.21
C PHE A 54 22.24 5.15 15.30
N GLY A 55 21.44 6.21 15.13
CA GLY A 55 21.47 7.37 16.01
C GLY A 55 20.09 7.90 16.39
N LYS A 56 20.04 8.59 17.52
CA LYS A 56 18.87 9.32 17.99
C LYS A 56 19.24 10.80 18.05
N VAL A 57 18.30 11.68 17.71
CA VAL A 57 18.49 13.12 17.87
C VAL A 57 18.42 13.45 19.36
N GLU A 58 19.54 13.90 19.93
CA GLU A 58 19.58 14.32 21.33
C GLU A 58 19.23 15.80 21.48
N LYS A 59 19.68 16.62 20.53
CA LYS A 59 19.38 18.04 20.54
C LYS A 59 19.47 18.61 19.12
N TYR A 60 18.52 19.50 18.79
CA TYR A 60 18.56 20.24 17.53
C TYR A 60 19.31 21.55 17.74
N LEU A 61 20.43 21.71 17.06
CA LEU A 61 21.12 23.01 17.03
C LEU A 61 20.45 23.89 15.97
N VAL A 62 20.25 23.30 14.79
CA VAL A 62 19.61 23.96 13.65
C VAL A 62 18.67 22.97 12.96
N GLN A 63 17.42 23.38 12.79
CA GLN A 63 16.41 22.55 12.10
C GLN A 63 16.29 22.98 10.65
N SER A 64 15.57 22.19 9.87
CA SER A 64 15.41 22.44 8.45
C SER A 64 14.37 23.53 8.26
N PRO A 65 14.49 24.31 7.18
CA PRO A 65 13.36 25.17 6.80
C PRO A 65 12.13 24.35 6.37
N HIS A 66 12.38 23.14 5.87
CA HIS A 66 11.33 22.25 5.36
C HIS A 66 10.71 21.35 6.45
N ARG A 67 11.15 21.51 7.70
CA ARG A 67 10.58 20.76 8.81
C ARG A 67 9.17 21.26 9.06
N ASN A 68 8.28 20.33 9.38
CA ASN A 68 6.89 20.61 9.71
C ASN A 68 6.76 20.44 11.23
N GLN A 69 6.54 21.55 11.93
CA GLN A 69 6.52 21.56 13.41
C GLN A 69 5.24 21.00 14.05
N ASP A 70 4.23 20.70 13.24
CA ASP A 70 2.97 20.07 13.70
C ASP A 70 3.20 19.00 14.80
N LEU A 71 2.75 19.29 16.01
CA LEU A 71 2.89 18.35 17.14
C LEU A 71 1.98 17.14 16.99
N ASP A 72 0.88 17.30 16.26
CA ASP A 72 -0.05 16.20 16.00
C ASP A 72 0.54 15.16 15.06
N LEU A 73 1.35 15.60 14.10
CA LEU A 73 1.99 14.68 13.19
C LEU A 73 3.16 13.96 13.84
N ALA A 74 3.74 14.56 14.87
CA ALA A 74 4.93 14.00 15.49
C ALA A 74 4.66 12.72 16.26
N TYR A 75 3.44 12.58 16.76
CA TYR A 75 3.04 11.37 17.44
C TYR A 75 3.01 10.18 16.49
N LEU A 76 2.75 10.48 15.22
CA LEU A 76 2.58 9.46 14.18
C LEU A 76 3.86 9.12 13.43
N ARG A 77 4.86 10.00 13.53
CA ARG A 77 6.12 9.85 12.83
C ARG A 77 6.75 8.50 13.11
N SER A 78 6.77 8.10 14.37
CA SER A 78 7.27 6.79 14.77
C SER A 78 6.29 5.66 14.42
N GLY A 79 5.80 5.63 13.17
CA GLY A 79 4.73 4.73 12.78
C GLY A 79 4.09 5.08 11.46
N ILE A 80 2.79 5.36 11.48
CA ILE A 80 1.95 5.45 10.27
C ILE A 80 2.23 6.62 9.31
N ALA A 81 2.86 7.69 9.80
CA ALA A 81 3.17 8.86 8.97
C ALA A 81 4.65 9.22 9.08
N ASP A 82 5.49 8.30 8.62
CA ASP A 82 6.97 8.41 8.77
C ASP A 82 7.68 9.53 7.96
N LEU A 83 6.97 10.21 7.04
CA LEU A 83 7.48 11.43 6.39
C LEU A 83 6.73 12.72 6.77
N GLY A 84 5.80 12.64 7.72
CA GLY A 84 5.01 13.79 8.16
C GLY A 84 5.83 14.99 8.57
N HIS A 85 7.00 14.74 9.15
CA HIS A 85 7.94 15.80 9.56
C HIS A 85 8.57 16.60 8.41
N LEU A 86 8.49 16.10 7.18
CA LEU A 86 8.89 16.86 6.00
C LEU A 86 7.68 17.54 5.36
N SER A 87 7.81 18.83 4.99
CA SER A 87 6.74 19.56 4.30
C SER A 87 6.36 18.88 2.99
N TYR A 88 5.12 19.07 2.54
CA TYR A 88 4.57 18.28 1.44
C TYR A 88 5.25 18.44 0.07
N PRO A 89 5.58 19.69 -0.34
CA PRO A 89 6.31 19.87 -1.61
C PRO A 89 7.66 19.15 -1.68
N GLU A 90 8.34 19.07 -0.54
CA GLU A 90 9.63 18.40 -0.43
C GLU A 90 9.47 16.87 -0.36
N GLN A 91 8.42 16.38 0.29
CA GLN A 91 8.06 14.95 0.19
C GLN A 91 7.97 14.54 -1.27
N LEU A 92 7.31 15.37 -2.08
CA LEU A 92 7.14 15.09 -3.50
C LEU A 92 8.48 15.11 -4.22
N LYS A 93 9.30 16.12 -3.95
CA LYS A 93 10.67 16.18 -4.48
C LYS A 93 11.47 14.97 -4.05
N PHE A 94 11.35 14.60 -2.77
CA PHE A 94 12.02 13.43 -2.23
C PHE A 94 11.65 12.15 -2.96
N LYS A 95 10.36 11.97 -3.23
CA LYS A 95 9.87 10.79 -3.92
C LYS A 95 10.31 10.75 -5.39
N THR A 96 10.24 11.89 -6.09
CA THR A 96 10.75 11.99 -7.46
C THR A 96 12.22 11.58 -7.51
N LYS A 97 13.00 12.09 -6.55
CA LYS A 97 14.43 11.79 -6.44
C LYS A 97 14.70 10.31 -6.19
N GLN A 98 13.86 9.71 -5.36
CA GLN A 98 13.95 8.28 -5.06
C GLN A 98 13.73 7.40 -6.27
N VAL A 99 12.82 7.80 -7.15
CA VAL A 99 12.56 7.05 -8.38
C VAL A 99 13.77 7.15 -9.31
N LYS A 100 14.31 8.36 -9.45
CA LYS A 100 15.49 8.60 -10.28
C LYS A 100 16.72 7.85 -9.75
N ASP A 101 16.98 8.00 -8.44
CA ASP A 101 18.08 7.28 -7.78
C ASP A 101 18.03 5.76 -7.92
N SER A 102 16.82 5.19 -7.88
CA SER A 102 16.66 3.73 -8.00
C SER A 102 16.88 3.23 -9.43
N LEU A 103 16.39 3.97 -10.43
CA LEU A 103 16.61 3.60 -11.82
C LEU A 103 18.09 3.64 -12.19
N TYR A 104 18.88 4.47 -11.50
CA TYR A 104 20.32 4.55 -11.71
C TYR A 104 21.08 3.48 -10.94
N LYS A 105 20.98 3.51 -9.61
CA LYS A 105 21.68 2.56 -8.73
C LYS A 105 21.47 1.11 -9.11
N ILE A 106 20.23 0.76 -9.48
CA ILE A 106 19.83 -0.62 -9.75
C ILE A 106 19.88 -1.00 -11.24
N ALA A 107 19.37 -0.13 -12.12
CA ALA A 107 19.21 -0.46 -13.54
C ALA A 107 20.17 0.28 -14.49
N GLY A 108 20.97 1.21 -13.97
CA GLY A 108 21.89 1.99 -14.79
C GLY A 108 21.27 2.95 -15.78
N ILE A 109 20.02 3.37 -15.55
CA ILE A 109 19.38 4.41 -16.35
C ILE A 109 19.70 5.76 -15.72
N ALA A 110 20.29 6.65 -16.52
CA ALA A 110 20.38 8.08 -16.20
C ALA A 110 19.66 9.00 -17.21
N ASP A 111 19.37 8.49 -18.42
CA ASP A 111 18.93 9.36 -19.54
C ASP A 111 17.41 9.47 -19.73
N VAL A 112 16.62 8.76 -18.93
CA VAL A 112 15.15 8.67 -19.12
C VAL A 112 14.39 9.78 -18.37
N GLU A 113 13.24 10.17 -18.93
CA GLU A 113 12.33 11.14 -18.31
C GLU A 113 11.66 10.58 -17.04
N VAL A 114 11.85 11.28 -15.92
CA VAL A 114 11.12 11.01 -14.67
C VAL A 114 10.42 12.31 -14.28
N ALA A 115 9.15 12.42 -14.66
CA ALA A 115 8.33 13.59 -14.32
C ALA A 115 8.22 13.75 -12.82
N GLU A 116 8.02 14.98 -12.36
CA GLU A 116 7.84 15.26 -10.94
C GLU A 116 6.63 14.48 -10.42
N THR A 117 6.69 14.08 -9.16
CA THR A 117 5.61 13.30 -8.55
C THR A 117 4.32 14.10 -8.50
N LEU A 118 3.21 13.45 -8.88
CA LEU A 118 1.90 14.06 -8.86
C LEU A 118 1.32 13.93 -7.45
N GLY A 119 1.09 15.07 -6.80
CA GLY A 119 0.64 15.11 -5.41
C GLY A 119 -0.83 15.47 -5.27
N MET A 120 -1.33 15.35 -4.04
CA MET A 120 -2.69 15.71 -3.70
C MET A 120 -2.82 17.19 -3.42
N GLU A 121 -4.00 17.74 -3.68
CA GLU A 121 -4.28 19.12 -3.30
C GLU A 121 -4.22 19.24 -1.79
N HIS A 122 -4.92 18.33 -1.13
CA HIS A 122 -4.97 18.29 0.31
C HIS A 122 -4.59 16.89 0.70
N PRO A 123 -3.30 16.67 1.01
CA PRO A 123 -2.74 15.35 1.28
C PRO A 123 -3.07 14.82 2.67
N VAL A 124 -4.35 14.68 2.98
CA VAL A 124 -4.76 14.19 4.28
C VAL A 124 -6.03 13.39 4.13
N LYS A 125 -6.44 12.74 5.23
CA LYS A 125 -7.75 12.09 5.34
C LYS A 125 -8.10 11.22 4.12
N TYR A 126 -7.12 10.47 3.61
CA TYR A 126 -7.24 9.81 2.30
C TYR A 126 -7.57 8.32 2.32
N ARG A 127 -6.98 7.56 3.24
CA ARG A 127 -7.07 6.10 3.19
C ARG A 127 -8.51 5.60 3.27
N ASN A 128 -8.87 4.71 2.33
CA ASN A 128 -10.19 4.05 2.32
C ASN A 128 -10.25 2.77 3.16
N LYS A 129 -9.10 2.29 3.62
CA LYS A 129 -8.99 1.11 4.49
C LYS A 129 -8.14 1.44 5.71
N ALA A 130 -8.47 0.87 6.85
CA ALA A 130 -7.67 0.98 8.07
C ALA A 130 -7.60 -0.36 8.78
N GLN A 131 -6.38 -0.79 9.14
CA GLN A 131 -6.15 -1.98 9.94
C GLN A 131 -5.64 -1.52 11.31
N VAL A 132 -6.40 -1.85 12.35
CA VAL A 132 -6.20 -1.29 13.67
C VAL A 132 -6.11 -2.43 14.68
N PRO A 133 -4.93 -2.64 15.30
CA PRO A 133 -4.88 -3.62 16.38
C PRO A 133 -5.71 -3.22 17.61
N VAL A 134 -6.23 -4.21 18.33
CA VAL A 134 -6.93 -4.00 19.59
C VAL A 134 -6.06 -4.60 20.68
N ARG A 135 -5.71 -3.81 21.69
CA ARG A 135 -4.77 -4.24 22.73
C ARG A 135 -5.10 -3.63 24.08
N ARG A 136 -4.63 -4.31 25.12
CA ARG A 136 -4.73 -3.83 26.50
C ARG A 136 -3.53 -2.90 26.79
N VAL A 137 -3.80 -1.64 27.14
CA VAL A 137 -2.75 -0.70 27.54
C VAL A 137 -3.16 -0.07 28.87
N ASN A 138 -2.36 -0.32 29.91
CA ASN A 138 -2.70 0.04 31.30
C ASN A 138 -4.07 -0.47 31.70
N GLY A 139 -4.29 -1.77 31.51
CA GLY A 139 -5.54 -2.44 31.87
C GLY A 139 -6.80 -1.98 31.15
N VAL A 140 -6.64 -1.39 29.96
CA VAL A 140 -7.76 -0.82 29.22
C VAL A 140 -7.62 -1.17 27.74
N LEU A 141 -8.70 -1.69 27.17
CA LEU A 141 -8.78 -2.06 25.76
C LEU A 141 -8.71 -0.80 24.90
N GLU A 142 -7.69 -0.71 24.05
CA GLU A 142 -7.48 0.47 23.20
C GLU A 142 -7.20 0.07 21.75
N THR A 143 -7.73 0.86 20.81
CA THR A 143 -7.37 0.77 19.40
C THR A 143 -6.25 1.78 19.15
N GLY A 144 -5.45 1.52 18.12
CA GLY A 144 -4.41 2.46 17.71
C GLY A 144 -3.46 1.91 16.65
N PHE A 145 -2.18 2.25 16.77
CA PHE A 145 -1.17 1.83 15.80
C PHE A 145 0.11 1.42 16.51
N PHE A 146 0.86 0.53 15.88
CA PHE A 146 2.10 0.06 16.47
C PHE A 146 3.25 0.99 16.23
N ARG A 147 4.06 1.18 17.27
CA ARG A 147 5.30 1.90 17.14
C ARG A 147 6.20 1.11 16.20
N LYS A 148 6.91 1.81 15.33
CA LYS A 148 7.85 1.19 14.39
C LYS A 148 8.79 0.15 15.03
N ASN A 149 9.08 -0.91 14.28
CA ASN A 149 9.87 -2.06 14.76
C ASN A 149 9.38 -2.58 16.12
N SER A 150 8.07 -2.66 16.30
CA SER A 150 7.52 -3.09 17.57
C SER A 150 6.11 -3.56 17.44
N HIS A 151 5.58 -4.05 18.56
CA HIS A 151 4.19 -4.41 18.68
C HIS A 151 3.56 -3.69 19.85
N ASN A 152 4.12 -2.54 20.21
CA ASN A 152 3.61 -1.77 21.32
C ASN A 152 2.58 -0.84 20.74
N LEU A 153 1.36 -0.97 21.21
CA LEU A 153 0.25 -0.21 20.65
C LEU A 153 0.25 1.22 21.19
N MET A 154 0.24 2.19 20.28
CA MET A 154 0.09 3.60 20.60
C MET A 154 -1.40 3.94 20.50
N PRO A 155 -2.05 4.23 21.64
CA PRO A 155 -3.48 4.62 21.59
C PRO A 155 -3.71 5.89 20.76
N LEU A 156 -4.70 5.84 19.88
CA LEU A 156 -4.97 6.95 18.97
C LEU A 156 -6.37 6.89 18.37
N GLU A 157 -7.03 8.04 18.39
CA GLU A 157 -8.38 8.20 17.85
C GLU A 157 -8.36 8.88 16.49
N ASP A 158 -7.53 9.93 16.33
CA ASP A 158 -7.37 10.68 15.07
C ASP A 158 -6.16 10.19 14.26
N PHE A 159 -6.43 9.42 13.21
CA PHE A 159 -5.38 8.78 12.39
C PHE A 159 -4.78 9.67 11.30
N PHE A 160 -5.32 10.86 11.09
CA PHE A 160 -4.75 11.90 10.21
C PHE A 160 -4.80 11.62 8.72
N ILE A 161 -4.28 10.48 8.29
CA ILE A 161 -4.27 10.09 6.89
C ILE A 161 -5.47 9.23 6.47
N GLN A 162 -6.30 8.79 7.40
CA GLN A 162 -7.45 7.95 7.08
C GLN A 162 -8.73 8.76 6.95
N ASP A 163 -9.66 8.23 6.16
CA ASP A 163 -11.06 8.69 6.10
C ASP A 163 -11.58 9.00 7.51
N PRO A 164 -12.07 10.24 7.77
CA PRO A 164 -12.55 10.56 9.12
C PRO A 164 -13.67 9.66 9.64
N VAL A 165 -14.54 9.15 8.75
CA VAL A 165 -15.62 8.22 9.13
C VAL A 165 -15.03 6.91 9.65
N ILE A 166 -13.97 6.44 9.01
CA ILE A 166 -13.31 5.21 9.44
C ILE A 166 -12.80 5.37 10.89
N ASP A 167 -12.23 6.52 11.23
CA ASP A 167 -11.80 6.83 12.61
C ASP A 167 -12.97 6.82 13.60
N GLN A 168 -14.10 7.38 13.17
CA GLN A 168 -15.32 7.41 13.99
C GLN A 168 -15.86 5.99 14.26
N VAL A 169 -15.84 5.15 13.21
CA VAL A 169 -16.29 3.75 13.28
C VAL A 169 -15.38 2.91 14.18
N VAL A 170 -14.07 3.12 14.09
CA VAL A 170 -13.09 2.41 14.92
C VAL A 170 -13.19 2.84 16.40
N VAL A 171 -13.43 4.13 16.64
CA VAL A 171 -13.63 4.61 18.01
C VAL A 171 -14.92 4.04 18.59
N ALA A 172 -15.97 3.96 17.78
CA ALA A 172 -17.25 3.37 18.18
C ALA A 172 -17.10 1.88 18.51
N LEU A 173 -16.38 1.16 17.66
CA LEU A 173 -16.12 -0.27 17.87
C LEU A 173 -15.25 -0.53 19.09
N ARG A 174 -14.34 0.38 19.41
CA ARG A 174 -13.49 0.27 20.59
C ARG A 174 -14.35 0.40 21.86
N ASP A 175 -15.21 1.42 21.91
CA ASP A 175 -16.13 1.64 23.04
C ASP A 175 -17.11 0.49 23.27
N LEU A 176 -17.57 -0.11 22.18
CA LEU A 176 -18.46 -1.29 22.23
C LEU A 176 -17.74 -2.53 22.77
N LEU A 177 -16.49 -2.73 22.36
CA LEU A 177 -15.69 -3.84 22.90
C LEU A 177 -15.39 -3.68 24.39
N ARG A 178 -15.23 -2.42 24.84
CA ARG A 178 -15.10 -2.10 26.27
C ARG A 178 -16.39 -2.41 27.05
N ARG A 179 -17.54 -1.98 26.51
CA ARG A 179 -18.82 -2.15 27.18
C ARG A 179 -19.24 -3.63 27.28
N PHE A 180 -18.99 -4.40 26.22
CA PHE A 180 -19.31 -5.83 26.18
C PHE A 180 -18.26 -6.73 26.84
N ASP A 181 -17.18 -6.16 27.37
CA ASP A 181 -16.14 -6.90 28.10
C ASP A 181 -15.46 -8.01 27.26
N LEU A 182 -15.40 -7.82 25.94
CA LEU A 182 -14.68 -8.74 25.06
C LEU A 182 -13.18 -8.50 25.22
N LYS A 183 -12.42 -9.56 25.49
CA LYS A 183 -10.99 -9.46 25.80
C LYS A 183 -10.14 -9.13 24.57
N PRO A 184 -9.22 -8.14 24.69
CA PRO A 184 -8.27 -7.92 23.62
C PRO A 184 -7.19 -8.99 23.63
N TYR A 185 -6.57 -9.19 22.48
CA TYR A 185 -5.54 -10.20 22.28
C TYR A 185 -4.26 -9.77 23.00
N ASP A 186 -3.55 -10.74 23.59
CA ASP A 186 -2.21 -10.51 24.13
C ASP A 186 -1.26 -11.44 23.40
N GLU A 187 -0.33 -10.86 22.63
CA GLU A 187 0.64 -11.63 21.87
C GLU A 187 1.60 -12.43 22.73
N LYS A 188 2.15 -11.80 23.77
CA LYS A 188 3.14 -12.46 24.62
C LYS A 188 2.51 -13.60 25.43
N GLU A 189 1.35 -13.36 26.03
CA GLU A 189 0.65 -14.38 26.83
C GLU A 189 -0.19 -15.38 26.02
N GLN A 190 -0.43 -15.11 24.73
CA GLN A 190 -1.29 -15.94 23.87
C GLN A 190 -2.65 -16.19 24.49
N SER A 191 -3.32 -15.08 24.81
CA SER A 191 -4.65 -15.09 25.42
C SER A 191 -5.47 -13.93 24.85
N GLY A 192 -6.79 -14.04 24.97
CA GLY A 192 -7.71 -13.01 24.49
C GLY A 192 -8.35 -13.38 23.17
N LEU A 193 -9.28 -12.54 22.74
CA LEU A 193 -10.13 -12.80 21.57
C LEU A 193 -9.92 -11.85 20.37
N ILE A 194 -9.98 -10.55 20.62
CA ILE A 194 -10.01 -9.55 19.55
C ILE A 194 -8.59 -9.11 19.18
N ARG A 195 -8.12 -9.52 18.01
CA ARG A 195 -6.75 -9.21 17.55
C ARG A 195 -6.68 -7.82 16.90
N ASN A 196 -7.41 -7.66 15.79
CA ASN A 196 -7.41 -6.43 14.99
C ASN A 196 -8.83 -6.11 14.51
N LEU A 197 -9.08 -4.84 14.23
CA LEU A 197 -10.27 -4.39 13.50
C LEU A 197 -9.82 -3.89 12.14
N VAL A 198 -10.49 -4.32 11.07
CA VAL A 198 -10.22 -3.83 9.72
C VAL A 198 -11.49 -3.21 9.17
N VAL A 199 -11.39 -1.95 8.73
CA VAL A 199 -12.55 -1.19 8.27
C VAL A 199 -12.24 -0.55 6.92
N ARG A 200 -12.88 -1.07 5.87
CA ARG A 200 -12.83 -0.48 4.53
C ARG A 200 -14.11 0.31 4.27
N ARG A 201 -13.96 1.46 3.62
CA ARG A 201 -15.07 2.37 3.33
C ARG A 201 -14.92 2.95 1.93
N GLY A 202 -15.91 2.71 1.07
CA GLY A 202 -15.88 3.16 -0.32
C GLY A 202 -15.73 4.67 -0.46
N HIS A 203 -14.74 5.09 -1.25
CA HIS A 203 -14.40 6.51 -1.45
C HIS A 203 -15.56 7.37 -1.96
N TYR A 204 -16.35 6.83 -2.89
CA TYR A 204 -17.50 7.52 -3.46
C TYR A 204 -18.82 7.07 -2.84
N SER A 205 -19.00 5.74 -2.73
CA SER A 205 -20.23 5.16 -2.19
C SER A 205 -20.46 5.44 -0.71
N GLY A 206 -19.38 5.47 0.06
CA GLY A 206 -19.47 5.59 1.53
C GLY A 206 -19.86 4.29 2.24
N GLN A 207 -19.95 3.19 1.51
CA GLN A 207 -20.39 1.90 2.06
C GLN A 207 -19.25 1.27 2.83
N ILE A 208 -19.57 0.72 4.00
CA ILE A 208 -18.57 0.30 4.97
C ILE A 208 -18.56 -1.23 5.15
N MET A 209 -17.36 -1.81 5.17
CA MET A 209 -17.14 -3.18 5.66
C MET A 209 -16.41 -3.09 7.00
N VAL A 210 -16.79 -3.97 7.93
CA VAL A 210 -16.09 -4.12 9.21
C VAL A 210 -15.69 -5.58 9.32
N VAL A 211 -14.39 -5.84 9.38
CA VAL A 211 -13.88 -7.17 9.65
C VAL A 211 -13.46 -7.21 11.12
N LEU A 212 -14.06 -8.09 11.88
CA LEU A 212 -13.60 -8.42 13.22
C LEU A 212 -12.62 -9.59 13.09
N VAL A 213 -11.35 -9.35 13.42
CA VAL A 213 -10.30 -10.37 13.30
C VAL A 213 -9.96 -10.94 14.69
N THR A 214 -10.20 -12.25 14.86
CA THR A 214 -10.25 -12.89 16.18
C THR A 214 -9.43 -14.17 16.30
N THR A 215 -9.18 -14.59 17.54
CA THR A 215 -8.40 -15.81 17.84
C THR A 215 -9.23 -17.10 17.79
N ARG A 216 -10.53 -17.01 18.05
CA ARG A 216 -11.42 -18.17 17.95
C ARG A 216 -12.73 -17.79 17.27
N PRO A 217 -13.41 -18.79 16.66
CA PRO A 217 -14.67 -18.51 15.95
C PRO A 217 -15.78 -17.91 16.82
N LYS A 218 -15.88 -18.34 18.08
CA LYS A 218 -16.98 -17.94 18.95
C LYS A 218 -16.74 -16.54 19.54
N VAL A 219 -17.65 -15.61 19.23
CA VAL A 219 -17.61 -14.24 19.75
C VAL A 219 -18.87 -13.98 20.56
N PHE A 220 -18.67 -13.67 21.84
CA PHE A 220 -19.74 -13.66 22.85
C PHE A 220 -20.61 -12.40 22.73
N ARG A 221 -21.87 -12.59 22.34
CA ARG A 221 -22.86 -11.50 22.15
C ARG A 221 -22.49 -10.55 21.00
N VAL A 222 -21.90 -11.11 19.94
CA VAL A 222 -21.50 -10.33 18.77
C VAL A 222 -22.70 -9.76 18.00
N ASP A 223 -23.80 -10.52 17.97
CA ASP A 223 -25.05 -10.12 17.29
C ASP A 223 -25.62 -8.82 17.88
N GLN A 224 -25.55 -8.68 19.20
CA GLN A 224 -25.93 -7.44 19.88
C GLN A 224 -24.92 -6.31 19.63
N LEU A 225 -23.62 -6.64 19.60
CA LEU A 225 -22.58 -5.66 19.29
C LEU A 225 -22.70 -5.10 17.86
N ILE A 226 -23.08 -5.95 16.92
CA ILE A 226 -23.38 -5.51 15.54
C ILE A 226 -24.64 -4.63 15.55
N GLU A 227 -25.71 -5.13 16.17
CA GLU A 227 -26.99 -4.40 16.27
C GLU A 227 -26.82 -2.90 16.60
N GLN A 228 -25.93 -2.59 17.55
CA GLN A 228 -25.67 -1.22 18.00
C GLN A 228 -24.84 -0.39 17.03
N VAL A 229 -23.82 -1.00 16.42
CA VAL A 229 -22.93 -0.29 15.48
C VAL A 229 -23.64 0.09 14.17
N ILE A 230 -24.68 -0.67 13.79
CA ILE A 230 -25.51 -0.37 12.61
C ILE A 230 -26.38 0.87 12.86
N LYS A 231 -26.83 1.06 14.11
CA LYS A 231 -27.60 2.26 14.46
C LYS A 231 -26.76 3.54 14.38
N GLN A 232 -25.51 3.46 14.83
CA GLN A 232 -24.59 4.61 14.72
C GLN A 232 -24.21 4.85 13.27
N PHE A 233 -23.96 3.77 12.54
CA PHE A 233 -23.47 3.87 11.17
C PHE A 233 -24.32 3.05 10.22
N PRO A 234 -25.45 3.64 9.75
CA PRO A 234 -26.30 2.97 8.77
C PRO A 234 -25.60 2.54 7.48
N GLU A 235 -24.45 3.13 7.17
CA GLU A 235 -23.68 2.78 5.97
C GLU A 235 -22.90 1.45 6.00
N ILE A 236 -22.91 0.75 7.13
CA ILE A 236 -22.31 -0.60 7.24
C ILE A 236 -23.22 -1.62 6.54
N VAL A 237 -22.82 -2.01 5.32
CA VAL A 237 -23.49 -3.08 4.57
C VAL A 237 -22.95 -4.49 4.86
N SER A 238 -21.85 -4.58 5.60
CA SER A 238 -21.13 -5.85 5.78
C SER A 238 -20.37 -5.85 7.12
N VAL A 239 -20.60 -6.89 7.93
CA VAL A 239 -19.73 -7.20 9.05
C VAL A 239 -19.19 -8.61 8.85
N MET A 240 -17.87 -8.69 8.66
CA MET A 240 -17.19 -9.97 8.48
C MET A 240 -16.43 -10.35 9.74
N GLN A 241 -16.21 -11.66 9.88
CA GLN A 241 -15.36 -12.21 10.91
C GLN A 241 -14.21 -12.92 10.22
N ASN A 242 -13.02 -12.83 10.83
CA ASN A 242 -11.87 -13.59 10.38
C ASN A 242 -11.20 -14.26 11.57
N ILE A 243 -10.97 -15.57 11.46
CA ILE A 243 -10.26 -16.31 12.49
C ILE A 243 -8.78 -16.36 12.12
N ASN A 244 -7.93 -16.06 13.10
CA ASN A 244 -6.49 -16.19 12.97
C ASN A 244 -5.94 -16.68 14.33
N ASP A 245 -5.67 -17.98 14.42
CA ASP A 245 -5.17 -18.59 15.68
C ASP A 245 -3.64 -18.67 15.80
N GLN A 246 -2.90 -18.18 14.80
CA GLN A 246 -1.44 -18.26 14.78
C GLN A 246 -0.78 -17.15 15.58
N ASN A 247 0.48 -17.38 15.94
CA ASN A 247 1.37 -16.35 16.49
C ASN A 247 2.21 -15.80 15.32
N THR A 248 1.69 -14.74 14.70
CA THR A 248 2.24 -14.22 13.45
C THR A 248 1.93 -12.72 13.31
N ASN A 249 2.80 -12.00 12.60
CA ASN A 249 2.54 -10.60 12.23
C ASN A 249 1.43 -10.45 11.17
N ALA A 250 1.12 -11.54 10.45
CA ALA A 250 0.04 -11.58 9.45
C ALA A 250 -1.33 -11.34 10.08
N ILE A 251 -2.16 -10.56 9.38
CA ILE A 251 -3.44 -10.12 9.93
C ILE A 251 -4.47 -11.26 9.91
N PHE A 252 -4.80 -11.76 8.72
CA PHE A 252 -5.84 -12.79 8.56
C PHE A 252 -5.33 -14.24 8.61
N GLY A 253 -6.19 -15.16 9.05
CA GLY A 253 -6.00 -16.60 8.84
C GLY A 253 -6.91 -17.03 7.71
N LYS A 254 -7.10 -18.36 7.56
CA LYS A 254 -7.91 -18.89 6.46
C LYS A 254 -9.39 -18.52 6.58
N GLU A 255 -10.00 -18.80 7.73
CA GLU A 255 -11.47 -18.75 7.86
C GLU A 255 -12.07 -17.34 7.83
N TRP A 256 -13.03 -17.15 6.92
CA TRP A 256 -13.81 -15.91 6.80
C TRP A 256 -15.28 -16.24 6.97
N ARG A 257 -15.98 -15.53 7.85
CA ARG A 257 -17.43 -15.72 8.05
C ARG A 257 -18.17 -14.41 7.88
N THR A 258 -19.41 -14.46 7.42
CA THR A 258 -20.24 -13.27 7.31
C THR A 258 -21.18 -13.20 8.49
N LEU A 259 -21.00 -12.21 9.35
CA LEU A 259 -21.86 -12.03 10.51
C LEU A 259 -23.11 -11.19 10.22
N TYR A 260 -23.07 -10.40 9.14
CA TYR A 260 -24.18 -9.49 8.85
C TYR A 260 -24.10 -8.92 7.43
N GLY A 261 -25.24 -8.92 6.74
CA GLY A 261 -25.39 -8.24 5.47
C GLY A 261 -24.63 -8.91 4.35
N GLN A 262 -23.98 -8.09 3.51
CA GLN A 262 -23.25 -8.57 2.35
C GLN A 262 -21.87 -9.10 2.75
N ASP A 263 -21.21 -9.76 1.81
CA ASP A 263 -19.79 -10.17 1.93
C ASP A 263 -18.88 -9.30 1.03
N TYR A 264 -19.34 -8.07 0.77
CA TYR A 264 -18.65 -7.11 -0.10
C TYR A 264 -19.24 -5.71 0.09
N ILE A 265 -18.44 -4.68 -0.17
CA ILE A 265 -18.94 -3.31 -0.38
C ILE A 265 -18.87 -3.02 -1.87
N THR A 266 -19.54 -1.97 -2.31
CA THR A 266 -19.52 -1.56 -3.72
C THR A 266 -19.01 -0.13 -3.76
N ASP A 267 -18.08 0.14 -4.67
CA ASP A 267 -17.46 1.48 -4.82
C ASP A 267 -17.20 1.79 -6.29
N GLN A 268 -16.97 3.06 -6.60
CA GLN A 268 -16.73 3.52 -7.97
C GLN A 268 -15.25 3.80 -8.24
N MET A 269 -14.83 3.57 -9.49
CA MET A 269 -13.51 3.99 -9.97
C MET A 269 -13.56 4.27 -11.45
N LEU A 270 -13.12 5.47 -11.82
CA LEU A 270 -13.36 6.04 -13.13
C LEU A 270 -14.89 6.01 -13.36
N GLY A 271 -15.37 5.53 -14.49
CA GLY A 271 -16.81 5.44 -14.71
C GLY A 271 -17.54 4.43 -13.83
N ASN A 272 -16.89 3.30 -13.58
CA ASN A 272 -17.59 2.05 -13.26
C ASN A 272 -17.71 1.72 -11.78
N ASP A 273 -18.60 0.77 -11.49
CA ASP A 273 -18.81 0.21 -10.14
C ASP A 273 -17.98 -1.06 -9.94
N PHE A 274 -17.59 -1.33 -8.69
CA PHE A 274 -16.79 -2.52 -8.33
C PHE A 274 -17.15 -3.07 -6.94
N GLN A 275 -17.56 -4.33 -6.89
CA GLN A 275 -17.75 -5.04 -5.63
C GLN A 275 -16.39 -5.49 -5.07
N ILE A 276 -16.23 -5.36 -3.75
CA ILE A 276 -14.93 -5.55 -3.09
C ILE A 276 -15.09 -6.44 -1.86
N ALA A 277 -14.50 -7.62 -1.88
CA ALA A 277 -14.54 -8.54 -0.74
C ALA A 277 -13.55 -8.08 0.34
N GLY A 278 -13.71 -8.61 1.56
CA GLY A 278 -12.75 -8.39 2.64
C GLY A 278 -11.30 -8.75 2.31
N PRO A 279 -11.06 -10.00 1.88
CA PRO A 279 -9.69 -10.43 1.54
C PRO A 279 -9.15 -9.93 0.19
N ALA A 280 -9.99 -9.29 -0.63
CA ALA A 280 -9.55 -8.73 -1.91
C ALA A 280 -8.81 -7.41 -1.70
N PHE A 281 -7.90 -7.12 -2.62
CA PHE A 281 -7.15 -5.87 -2.62
C PHE A 281 -7.98 -4.79 -3.30
N TYR A 282 -7.98 -3.60 -2.69
CA TYR A 282 -8.52 -2.36 -3.28
C TYR A 282 -7.55 -1.22 -3.01
N GLN A 283 -7.18 -0.48 -4.05
CA GLN A 283 -6.23 0.64 -3.91
C GLN A 283 -6.70 1.59 -2.82
N VAL A 284 -5.85 1.78 -1.81
CA VAL A 284 -6.18 2.54 -0.59
C VAL A 284 -6.46 4.02 -0.80
N ASN A 285 -5.94 4.58 -1.89
CA ASN A 285 -6.14 5.98 -2.26
C ASN A 285 -6.86 6.06 -3.61
N THR A 286 -8.19 5.95 -3.55
CA THR A 286 -9.03 5.95 -4.74
C THR A 286 -8.81 7.21 -5.58
N GLU A 287 -8.79 8.37 -4.92
CA GLU A 287 -8.56 9.66 -5.59
C GLU A 287 -7.33 9.68 -6.49
N MET A 288 -6.21 9.17 -5.97
CA MET A 288 -4.94 9.16 -6.70
C MET A 288 -4.74 7.91 -7.54
N ALA A 289 -5.35 6.79 -7.15
CA ALA A 289 -5.36 5.57 -7.97
C ALA A 289 -6.03 5.82 -9.32
N GLU A 290 -7.16 6.52 -9.31
CA GLU A 290 -7.83 6.94 -10.56
C GLU A 290 -6.89 7.71 -11.50
N LYS A 291 -6.02 8.50 -10.90
CA LYS A 291 -5.00 9.25 -11.62
C LYS A 291 -3.87 8.34 -12.06
N LEU A 292 -3.46 7.47 -11.14
CA LEU A 292 -2.45 6.46 -11.42
C LEU A 292 -2.86 5.62 -12.63
N TYR A 293 -4.11 5.19 -12.67
CA TYR A 293 -4.63 4.42 -13.80
C TYR A 293 -4.70 5.28 -15.05
N GLN A 294 -5.29 6.47 -14.95
CA GLN A 294 -5.44 7.34 -16.13
C GLN A 294 -4.10 7.67 -16.77
N THR A 295 -3.04 7.75 -15.96
CA THR A 295 -1.68 7.85 -16.49
C THR A 295 -1.30 6.58 -17.26
N ALA A 296 -1.41 5.43 -16.60
CA ALA A 296 -1.12 4.13 -17.23
C ALA A 296 -1.89 3.91 -18.54
N ILE A 297 -3.17 4.26 -18.55
CA ILE A 297 -4.02 4.12 -19.73
C ILE A 297 -3.54 5.03 -20.87
N ASP A 298 -3.18 6.27 -20.54
CA ASP A 298 -2.67 7.22 -21.55
C ASP A 298 -1.31 6.79 -22.09
N PHE A 299 -0.44 6.33 -21.20
CA PHE A 299 0.85 5.72 -21.58
C PHE A 299 0.66 4.58 -22.59
N ALA A 300 -0.34 3.74 -22.35
CA ALA A 300 -0.61 2.56 -23.17
C ALA A 300 -1.16 2.86 -24.58
N GLU A 301 -1.67 4.08 -24.82
CA GLU A 301 -2.13 4.49 -26.16
C GLU A 301 -3.08 3.46 -26.81
N LEU A 302 -4.21 3.21 -26.17
CA LEU A 302 -5.06 2.08 -26.53
C LEU A 302 -5.89 2.28 -27.81
N LYS A 303 -5.80 1.31 -28.71
CA LYS A 303 -6.61 1.23 -29.93
C LYS A 303 -7.73 0.21 -29.72
N LYS A 304 -8.73 0.23 -30.60
CA LYS A 304 -9.87 -0.70 -30.48
C LYS A 304 -9.48 -2.16 -30.77
N ASP A 305 -8.50 -2.35 -31.65
CA ASP A 305 -8.02 -3.69 -32.01
C ASP A 305 -6.91 -4.25 -31.08
N ASP A 306 -6.58 -3.53 -30.00
CA ASP A 306 -5.62 -4.02 -29.00
C ASP A 306 -6.16 -5.19 -28.19
N VAL A 307 -5.23 -6.00 -27.68
CA VAL A 307 -5.55 -7.14 -26.82
C VAL A 307 -4.72 -6.99 -25.54
N ILE A 308 -5.38 -6.68 -24.44
CA ILE A 308 -4.73 -6.35 -23.17
C ILE A 308 -4.59 -7.56 -22.25
N ILE A 309 -3.45 -7.66 -21.57
CA ILE A 309 -3.31 -8.54 -20.41
C ILE A 309 -3.28 -7.67 -19.15
N ASP A 310 -4.15 -7.96 -18.18
CA ASP A 310 -4.16 -7.31 -16.87
C ASP A 310 -3.66 -8.31 -15.83
N ALA A 311 -2.34 -8.42 -15.71
CA ALA A 311 -1.71 -9.28 -14.71
C ALA A 311 -1.82 -8.65 -13.32
N TYR A 312 -2.04 -9.49 -12.31
CA TYR A 312 -2.35 -9.05 -10.94
C TYR A 312 -3.63 -8.21 -10.97
N SER A 313 -4.73 -8.85 -11.40
CA SER A 313 -5.98 -8.17 -11.72
C SER A 313 -6.64 -7.51 -10.51
N GLY A 314 -6.62 -8.21 -9.38
CA GLY A 314 -7.37 -7.82 -8.20
C GLY A 314 -8.86 -7.99 -8.47
N ILE A 315 -9.62 -6.95 -8.12
CA ILE A 315 -11.07 -6.91 -8.44
C ILE A 315 -11.37 -6.46 -9.87
N GLY A 316 -10.34 -6.29 -10.70
CA GLY A 316 -10.49 -6.06 -12.14
C GLY A 316 -10.48 -4.62 -12.58
N THR A 317 -10.14 -3.70 -11.68
CA THR A 317 -10.33 -2.26 -11.94
C THR A 317 -9.58 -1.70 -13.14
N ILE A 318 -8.36 -2.17 -13.39
CA ILE A 318 -7.58 -1.67 -14.51
C ILE A 318 -8.15 -2.24 -15.81
N GLY A 319 -8.23 -3.56 -15.89
CA GLY A 319 -8.75 -4.22 -17.09
C GLY A 319 -10.13 -3.73 -17.51
N LEU A 320 -11.04 -3.65 -16.55
CA LEU A 320 -12.42 -3.28 -16.82
C LEU A 320 -12.59 -1.80 -17.11
N SER A 321 -11.68 -0.97 -16.58
CA SER A 321 -11.65 0.44 -16.97
C SER A 321 -11.35 0.64 -18.46
N VAL A 322 -10.65 -0.32 -19.09
CA VAL A 322 -10.31 -0.23 -20.52
C VAL A 322 -11.00 -1.22 -21.46
N ALA A 323 -11.79 -2.16 -20.94
CA ALA A 323 -12.33 -3.27 -21.75
C ALA A 323 -13.31 -2.84 -22.85
N LYS A 324 -14.12 -1.82 -22.56
CA LYS A 324 -15.03 -1.26 -23.56
C LYS A 324 -14.31 -0.51 -24.69
N HIS A 325 -13.06 -0.10 -24.45
CA HIS A 325 -12.25 0.60 -25.46
C HIS A 325 -11.22 -0.27 -26.18
N VAL A 326 -11.40 -1.59 -26.17
CA VAL A 326 -10.46 -2.47 -26.88
C VAL A 326 -11.13 -3.82 -27.20
N LYS A 327 -10.42 -4.66 -27.96
CA LYS A 327 -10.85 -5.99 -28.33
C LYS A 327 -11.03 -7.03 -27.22
N GLU A 328 -9.95 -7.46 -26.57
CA GLU A 328 -10.00 -8.52 -25.56
C GLU A 328 -9.21 -8.05 -24.37
N VAL A 329 -9.62 -8.53 -23.19
CA VAL A 329 -8.93 -8.26 -21.95
C VAL A 329 -8.80 -9.60 -21.24
N TYR A 330 -7.56 -10.03 -21.02
CA TYR A 330 -7.28 -11.24 -20.26
C TYR A 330 -6.56 -10.85 -18.97
N GLY A 331 -7.08 -11.30 -17.82
CA GLY A 331 -6.45 -11.01 -16.52
C GLY A 331 -6.26 -12.24 -15.66
N VAL A 332 -5.31 -12.15 -14.73
CA VAL A 332 -5.02 -13.24 -13.78
C VAL A 332 -4.90 -12.70 -12.37
N GLU A 333 -5.40 -13.47 -11.41
CA GLU A 333 -5.42 -13.07 -10.01
C GLU A 333 -5.38 -14.32 -9.14
N LEU A 334 -4.41 -14.37 -8.23
CA LEU A 334 -4.18 -15.54 -7.36
C LEU A 334 -5.30 -15.77 -6.33
N ILE A 335 -5.79 -14.70 -5.71
CA ILE A 335 -6.79 -14.83 -4.62
C ILE A 335 -8.20 -15.08 -5.19
N PRO A 336 -8.83 -16.22 -4.83
CA PRO A 336 -10.16 -16.57 -5.36
C PRO A 336 -11.25 -15.52 -5.11
N GLU A 337 -11.28 -14.94 -3.92
CA GLU A 337 -12.35 -14.00 -3.55
C GLU A 337 -12.27 -12.69 -4.32
N ALA A 338 -11.06 -12.30 -4.73
CA ALA A 338 -10.84 -11.12 -5.55
C ALA A 338 -11.22 -11.37 -7.00
N VAL A 339 -10.75 -12.48 -7.58
CA VAL A 339 -11.01 -12.77 -8.99
C VAL A 339 -12.49 -13.10 -9.23
N GLU A 340 -13.20 -13.55 -8.19
CA GLU A 340 -14.65 -13.72 -8.26
C GLU A 340 -15.37 -12.38 -8.28
N ASN A 341 -14.86 -11.39 -7.53
CA ASN A 341 -15.35 -10.00 -7.65
C ASN A 341 -15.18 -9.54 -9.08
N SER A 342 -13.95 -9.69 -9.58
CA SER A 342 -13.54 -9.33 -10.94
C SER A 342 -14.48 -9.83 -12.05
N GLN A 343 -14.93 -11.07 -11.92
CA GLN A 343 -15.90 -11.67 -12.84
C GLN A 343 -17.27 -10.98 -12.77
N LYS A 344 -17.73 -10.72 -11.55
CA LYS A 344 -19.02 -10.05 -11.30
C LYS A 344 -18.94 -8.57 -11.67
N ASN A 345 -17.80 -7.95 -11.41
CA ASN A 345 -17.59 -6.56 -11.78
C ASN A 345 -17.72 -6.38 -13.30
N ALA A 346 -17.19 -7.33 -14.06
CA ALA A 346 -17.37 -7.34 -15.52
C ALA A 346 -18.84 -7.42 -15.92
N SER A 347 -19.57 -8.32 -15.28
CA SER A 347 -21.00 -8.52 -15.54
C SER A 347 -21.86 -7.31 -15.14
N LEU A 348 -21.57 -6.75 -13.97
CA LEU A 348 -22.22 -5.52 -13.48
C LEU A 348 -22.19 -4.41 -14.52
N ASN A 349 -21.00 -4.15 -15.05
CA ASN A 349 -20.75 -3.06 -15.99
C ASN A 349 -21.03 -3.42 -17.46
N LYS A 350 -21.59 -4.60 -17.73
CA LYS A 350 -21.89 -5.04 -19.10
C LYS A 350 -20.59 -5.07 -19.94
N ILE A 351 -19.69 -5.96 -19.56
CA ILE A 351 -18.40 -6.15 -20.22
C ILE A 351 -18.20 -7.65 -20.44
N THR A 352 -18.62 -8.12 -21.62
CA THR A 352 -18.53 -9.54 -21.98
C THR A 352 -17.20 -9.93 -22.69
N ASN A 353 -16.25 -8.99 -22.80
CA ASN A 353 -14.93 -9.30 -23.37
C ASN A 353 -13.81 -9.37 -22.31
N ALA A 354 -14.16 -9.54 -21.03
CA ALA A 354 -13.20 -9.51 -19.93
C ALA A 354 -13.05 -10.91 -19.35
N HIS A 355 -11.97 -11.59 -19.73
CA HIS A 355 -11.78 -13.00 -19.39
C HIS A 355 -10.72 -13.17 -18.29
N TYR A 356 -11.08 -13.85 -17.22
CA TYR A 356 -10.21 -13.99 -16.04
C TYR A 356 -9.91 -15.43 -15.67
N VAL A 357 -8.76 -15.63 -15.04
CA VAL A 357 -8.30 -16.94 -14.60
C VAL A 357 -7.73 -16.82 -13.18
N CYS A 358 -8.04 -17.79 -12.32
CA CYS A 358 -7.51 -17.82 -10.97
C CYS A 358 -6.23 -18.66 -10.93
N ASP A 359 -5.09 -17.99 -10.79
CA ASP A 359 -3.76 -18.64 -10.84
C ASP A 359 -2.67 -17.64 -10.44
N THR A 360 -1.44 -18.13 -10.32
CA THR A 360 -0.27 -17.24 -10.23
C THR A 360 -0.07 -16.62 -11.60
N ALA A 361 0.40 -15.39 -11.63
CA ALA A 361 0.54 -14.63 -12.87
C ALA A 361 1.57 -15.27 -13.79
N GLU A 362 2.56 -15.93 -13.16
CA GLU A 362 3.62 -16.69 -13.80
C GLU A 362 3.07 -17.81 -14.65
N ASN A 363 2.12 -18.53 -14.07
CA ASN A 363 1.47 -19.69 -14.68
C ASN A 363 0.49 -19.30 -15.76
N ALA A 364 -0.31 -18.28 -15.51
CA ALA A 364 -1.27 -17.79 -16.50
C ALA A 364 -0.62 -17.34 -17.79
N MET A 365 0.53 -16.68 -17.66
CA MET A 365 1.30 -16.24 -18.82
C MET A 365 1.83 -17.42 -19.63
N LYS A 366 2.31 -18.47 -18.93
CA LYS A 366 2.81 -19.69 -19.59
C LYS A 366 1.71 -20.37 -20.40
N LYS A 367 0.52 -20.51 -19.83
CA LYS A 367 -0.63 -21.11 -20.52
C LYS A 367 -1.11 -20.25 -21.67
N TRP A 368 -1.18 -18.93 -21.46
CA TRP A 368 -1.60 -18.00 -22.52
C TRP A 368 -0.62 -17.93 -23.67
N LEU A 369 0.66 -18.19 -23.40
CA LEU A 369 1.68 -18.23 -24.43
C LEU A 369 1.57 -19.53 -25.24
N LYS A 370 1.36 -20.65 -24.56
CA LYS A 370 1.08 -21.94 -25.22
C LYS A 370 -0.22 -21.91 -26.02
N GLU A 371 -1.31 -21.51 -25.37
CA GLU A 371 -2.65 -21.43 -25.99
C GLU A 371 -2.74 -20.55 -27.26
N GLY A 372 -1.78 -19.63 -27.43
CA GLY A 372 -1.67 -18.84 -28.64
C GLY A 372 -2.51 -17.58 -28.62
N ILE A 373 -2.52 -16.90 -27.47
CA ILE A 373 -3.11 -15.56 -27.36
C ILE A 373 -2.07 -14.56 -27.83
N GLN A 374 -2.54 -13.51 -28.50
CA GLN A 374 -1.68 -12.50 -29.14
C GLN A 374 -1.84 -11.12 -28.47
N PRO A 375 -1.27 -10.94 -27.26
CA PRO A 375 -1.44 -9.65 -26.58
C PRO A 375 -0.55 -8.55 -27.15
N THR A 376 -1.13 -7.37 -27.36
CA THR A 376 -0.39 -6.18 -27.80
C THR A 376 0.11 -5.33 -26.63
N VAL A 377 -0.69 -5.20 -25.57
CA VAL A 377 -0.33 -4.42 -24.38
C VAL A 377 -0.35 -5.34 -23.16
N ILE A 378 0.56 -5.10 -22.22
CA ILE A 378 0.54 -5.78 -20.92
C ILE A 378 0.59 -4.76 -19.81
N LEU A 379 -0.45 -4.72 -18.99
CA LEU A 379 -0.48 -3.94 -17.77
C LEU A 379 -0.14 -4.87 -16.60
N VAL A 380 0.80 -4.46 -15.75
CA VAL A 380 1.16 -5.24 -14.55
C VAL A 380 1.15 -4.35 -13.30
N ASP A 381 0.67 -4.90 -12.20
CA ASP A 381 0.53 -4.15 -10.96
C ASP A 381 0.74 -5.12 -9.79
N PRO A 382 2.00 -5.60 -9.61
CA PRO A 382 2.31 -6.58 -8.58
C PRO A 382 2.47 -5.97 -7.18
N PRO A 383 2.47 -6.81 -6.12
CA PRO A 383 2.82 -6.32 -4.77
C PRO A 383 4.29 -5.91 -4.64
N ARG A 384 4.75 -5.56 -3.45
CA ARG A 384 6.09 -4.97 -3.31
C ARG A 384 7.20 -5.85 -3.88
N LYS A 385 7.15 -7.14 -3.56
CA LYS A 385 8.13 -8.13 -4.07
C LYS A 385 8.40 -8.02 -5.59
N GLY A 386 7.42 -7.57 -6.35
CA GLY A 386 7.58 -7.30 -7.77
C GLY A 386 7.25 -8.53 -8.60
N LEU A 387 7.93 -8.65 -9.75
CA LEU A 387 7.68 -9.74 -10.70
C LEU A 387 8.72 -10.85 -10.54
N THR A 388 8.34 -12.03 -11.02
CA THR A 388 9.24 -13.18 -11.07
C THR A 388 10.06 -13.10 -12.36
N GLU A 389 11.22 -13.72 -12.37
CA GLU A 389 12.04 -13.82 -13.59
C GLU A 389 11.27 -14.52 -14.72
N SER A 390 10.62 -15.64 -14.39
CA SER A 390 9.86 -16.41 -15.38
C SER A 390 8.68 -15.66 -16.00
N PHE A 391 8.06 -14.76 -15.23
CA PHE A 391 6.97 -13.92 -15.75
C PHE A 391 7.49 -12.90 -16.76
N ILE A 392 8.62 -12.27 -16.44
CA ILE A 392 9.24 -11.30 -17.35
C ILE A 392 9.64 -11.99 -18.66
N LYS A 393 10.28 -13.15 -18.54
CA LYS A 393 10.72 -13.93 -19.71
C LYS A 393 9.57 -14.39 -20.60
N ALA A 394 8.49 -14.87 -19.98
CA ALA A 394 7.29 -15.31 -20.71
C ALA A 394 6.61 -14.13 -21.42
N SER A 395 6.41 -13.03 -20.68
CA SER A 395 5.77 -11.83 -21.22
C SER A 395 6.51 -11.21 -22.40
N ALA A 396 7.84 -11.32 -22.41
CA ALA A 396 8.66 -10.87 -23.55
C ALA A 396 8.37 -11.69 -24.81
N GLN A 397 8.25 -13.01 -24.61
CA GLN A 397 7.98 -13.96 -25.69
C GLN A 397 6.57 -13.87 -26.29
N THR A 398 5.66 -13.15 -25.64
CA THR A 398 4.33 -12.87 -26.22
C THR A 398 4.38 -11.84 -27.34
N GLY A 399 5.51 -11.13 -27.47
CA GLY A 399 5.70 -10.14 -28.52
C GLY A 399 4.83 -8.93 -28.33
N ALA A 400 4.61 -8.56 -27.07
CA ALA A 400 3.68 -7.49 -26.75
C ALA A 400 4.38 -6.16 -27.00
N ASP A 401 3.69 -5.31 -27.76
CA ASP A 401 4.20 -4.02 -28.16
C ASP A 401 4.55 -3.11 -26.96
N ARG A 402 3.60 -2.89 -26.04
CA ARG A 402 3.81 -2.06 -24.86
C ARG A 402 3.58 -2.82 -23.56
N ILE A 403 4.39 -2.52 -22.53
CA ILE A 403 4.17 -3.01 -21.17
C ILE A 403 4.10 -1.80 -20.22
N ALA A 404 3.00 -1.65 -19.49
CA ALA A 404 2.85 -0.61 -18.45
C ALA A 404 2.97 -1.23 -17.04
N TYR A 405 4.01 -0.84 -16.32
CA TYR A 405 4.32 -1.41 -15.02
C TYR A 405 3.93 -0.42 -13.94
N ILE A 406 2.91 -0.77 -13.17
CA ILE A 406 2.53 0.02 -11.99
C ILE A 406 3.18 -0.65 -10.78
N SER A 407 3.65 0.14 -9.82
CA SER A 407 4.46 -0.36 -8.71
C SER A 407 4.28 0.41 -7.42
N CYS A 408 4.29 -0.30 -6.29
CA CYS A 408 4.38 0.31 -4.95
C CYS A 408 5.76 0.10 -4.33
N ASN A 409 6.75 -0.24 -5.15
CA ASN A 409 8.13 -0.39 -4.69
C ASN A 409 9.07 -0.22 -5.89
N VAL A 410 9.80 0.90 -5.89
CA VAL A 410 10.69 1.23 -7.01
C VAL A 410 11.93 0.32 -7.07
N ALA A 411 12.40 -0.13 -5.89
CA ALA A 411 13.52 -1.08 -5.79
C ALA A 411 13.30 -2.30 -6.69
N THR A 412 12.17 -2.97 -6.51
CA THR A 412 11.85 -4.17 -7.28
C THR A 412 11.49 -3.85 -8.73
N MET A 413 10.86 -2.71 -8.97
CA MET A 413 10.57 -2.26 -10.35
C MET A 413 11.84 -1.95 -11.13
N ALA A 414 12.81 -1.31 -10.48
CA ALA A 414 14.10 -1.02 -11.11
C ALA A 414 14.81 -2.31 -11.54
N ARG A 415 14.86 -3.28 -10.63
CA ARG A 415 15.39 -4.62 -10.93
C ARG A 415 14.70 -5.20 -12.15
N ASP A 416 13.37 -5.28 -12.07
CA ASP A 416 12.57 -5.92 -13.12
C ASP A 416 12.67 -5.19 -14.46
N ILE A 417 12.71 -3.86 -14.42
CA ILE A 417 12.97 -3.05 -15.62
C ILE A 417 14.31 -3.44 -16.24
N LYS A 418 15.33 -3.54 -15.40
CA LYS A 418 16.66 -3.95 -15.84
C LYS A 418 16.60 -5.21 -16.70
N LEU A 419 15.80 -6.19 -16.27
CA LEU A 419 15.64 -7.43 -17.04
C LEU A 419 14.79 -7.27 -18.31
N TYR A 420 13.77 -6.42 -18.27
CA TYR A 420 13.02 -6.11 -19.51
C TYR A 420 13.93 -5.49 -20.58
N GLN A 421 14.92 -4.70 -20.15
CA GLN A 421 15.90 -4.12 -21.08
C GLN A 421 16.86 -5.13 -21.69
N GLU A 422 17.19 -6.18 -20.94
CA GLU A 422 17.98 -7.29 -21.48
C GLU A 422 17.21 -8.20 -22.47
N LEU A 423 15.89 -8.03 -22.56
CA LEU A 423 15.05 -8.77 -23.50
C LEU A 423 14.38 -7.86 -24.55
N GLY A 424 15.06 -6.79 -24.94
CA GLY A 424 14.62 -5.94 -26.05
C GLY A 424 13.52 -4.93 -25.79
N TYR A 425 13.17 -4.71 -24.53
CA TYR A 425 12.22 -3.64 -24.17
C TYR A 425 12.99 -2.44 -23.62
N GLU A 426 12.48 -1.25 -23.90
CA GLU A 426 13.15 0.01 -23.59
C GLU A 426 12.22 0.85 -22.70
N LEU A 427 12.79 1.49 -21.69
CA LEU A 427 12.01 2.35 -20.77
C LEU A 427 11.83 3.74 -21.39
N LYS A 428 10.57 4.11 -21.64
CA LYS A 428 10.24 5.37 -22.32
C LYS A 428 9.95 6.47 -21.32
N LYS A 429 8.84 6.34 -20.58
CA LYS A 429 8.39 7.35 -19.63
C LYS A 429 8.32 6.74 -18.24
N VAL A 430 8.37 7.60 -17.23
CA VAL A 430 8.05 7.22 -15.83
C VAL A 430 7.35 8.41 -15.13
N GLN A 431 6.26 8.11 -14.43
CA GLN A 431 5.49 9.11 -13.70
C GLN A 431 5.18 8.58 -12.30
N PRO A 432 5.85 9.12 -11.25
CA PRO A 432 5.47 8.77 -9.89
C PRO A 432 4.18 9.49 -9.47
N VAL A 433 3.33 8.81 -8.69
CA VAL A 433 2.05 9.38 -8.24
C VAL A 433 1.91 9.15 -6.75
N ASP A 434 1.62 10.21 -5.98
CA ASP A 434 1.63 10.09 -4.52
C ASP A 434 0.34 9.51 -3.96
N LEU A 435 0.25 8.18 -3.95
CA LEU A 435 -0.86 7.48 -3.29
C LEU A 435 -0.77 7.52 -1.77
N PHE A 436 0.44 7.62 -1.23
CA PHE A 436 0.66 7.56 0.22
C PHE A 436 1.29 8.85 0.76
N PRO A 437 0.51 9.95 0.80
CA PRO A 437 1.04 11.15 1.45
C PRO A 437 1.41 10.93 2.91
N GLN A 438 2.40 11.70 3.38
CA GLN A 438 2.91 11.64 4.75
C GLN A 438 3.70 10.35 5.08
N THR A 439 3.95 9.48 4.08
CA THR A 439 4.72 8.24 4.28
C THR A 439 5.84 8.19 3.25
N HIS A 440 6.77 7.26 3.43
CA HIS A 440 7.90 7.12 2.50
C HIS A 440 7.57 6.42 1.18
N HIS A 441 6.35 5.89 1.04
CA HIS A 441 6.02 4.99 -0.08
C HIS A 441 5.70 5.76 -1.36
N VAL A 442 6.43 5.41 -2.43
CA VAL A 442 6.23 5.98 -3.75
C VAL A 442 5.48 4.98 -4.61
N GLN A 443 4.45 5.46 -5.32
CA GLN A 443 3.78 4.69 -6.35
C GLN A 443 4.32 5.22 -7.69
N THR A 444 4.40 4.33 -8.67
CA THR A 444 5.03 4.65 -9.95
C THR A 444 4.27 4.00 -11.12
N VAL A 445 4.37 4.62 -12.29
CA VAL A 445 3.92 4.03 -13.56
C VAL A 445 5.03 4.20 -14.59
N ALA A 446 5.48 3.10 -15.17
CA ALA A 446 6.56 3.09 -16.16
C ALA A 446 6.08 2.47 -17.46
N LEU A 447 6.24 3.19 -18.57
CA LEU A 447 5.95 2.66 -19.90
C LEU A 447 7.22 2.05 -20.48
N LEU A 448 7.21 0.72 -20.66
CA LEU A 448 8.22 0.03 -21.45
C LEU A 448 7.68 -0.10 -22.86
N SER A 449 8.58 -0.24 -23.84
CA SER A 449 8.21 -0.33 -25.25
C SER A 449 9.22 -1.13 -26.03
N LYS A 450 8.76 -1.91 -27.01
CA LYS A 450 9.61 -2.88 -27.72
C LYS A 450 10.34 -2.27 -28.91
N LEU A 451 11.50 -2.85 -29.22
CA LEU A 451 12.31 -2.50 -30.39
C LEU A 451 12.16 -3.59 -31.46
N ASP A 452 12.24 -3.21 -32.74
CA ASP A 452 12.19 -4.17 -33.85
C ASP A 452 13.55 -4.83 -34.05
C5 MUM B 4 0.83 -2.20 -5.53
C5M MUM B 4 -0.05 -3.39 -5.97
C4 MUM B 4 0.03 -0.94 -5.76
O4 MUM B 4 -0.31 -0.62 -6.90
N3 MUM B 4 -0.31 -0.17 -4.71
C6 MUM B 4 1.37 -2.35 -4.08
N1 MUM B 4 0.56 -1.57 -3.12
C2 MUM B 4 -0.36 -0.63 -3.45
O2 MUM B 4 -1.22 -0.19 -2.69
C1' MUM B 4 0.86 -2.01 -1.72
O4' MUM B 4 -0.29 -2.68 -1.19
C4' MUM B 4 -0.44 -2.26 0.16
C3' MUM B 4 0.14 -0.86 0.28
O3' MUM B 4 0.44 -0.52 1.67
C2' MUM B 4 1.24 -0.85 -0.80
O2' MUM B 4 2.61 -0.95 -0.35
C5' MUM B 4 -1.91 -2.23 0.53
O5' MUM B 4 -2.51 -3.48 0.22
P MUM B 4 -3.17 -4.40 1.38
O2P MUM B 4 -3.65 -5.73 0.84
O1P MUM B 4 -4.14 -3.61 2.21
N SAH C . -5.23 -3.89 -10.35
CA SAH C . -5.44 -4.13 -8.89
CB SAH C . -4.10 -4.26 -8.16
CG SAH C . -3.97 -5.60 -7.44
SD SAH C . -2.69 -5.51 -6.24
C SAH C . -6.25 -3.02 -8.28
O SAH C . -5.84 -1.86 -8.39
OXT SAH C . -7.30 -3.21 -7.65
C5' SAH C . -1.77 -7.00 -6.48
C4' SAH C . -2.64 -8.24 -6.67
O4' SAH C . -1.79 -9.31 -6.99
C3' SAH C . -3.41 -8.65 -5.43
O3' SAH C . -4.80 -8.73 -5.77
C2' SAH C . -2.82 -9.99 -5.03
O2' SAH C . -3.81 -10.88 -4.52
C1' SAH C . -2.25 -10.48 -6.34
N9 SAH C . -1.08 -11.40 -6.36
C8 SAH C . -0.08 -11.58 -5.47
N7 SAH C . 0.79 -12.52 -5.95
C5 SAH C . 0.35 -12.91 -7.16
C6 SAH C . 0.76 -13.85 -8.22
N6 SAH C . 1.87 -14.61 -8.11
N1 SAH C . -0.01 -13.95 -9.34
C2 SAH C . -1.13 -13.22 -9.51
N3 SAH C . -1.57 -12.35 -8.59
C4 SAH C . -0.88 -12.16 -7.42
#